data_4ALD
#
_entry.id   4ALD
#
_cell.length_a   96.500
_cell.length_b   96.500
_cell.length_c   166.900
_cell.angle_alpha   90.00
_cell.angle_beta   90.00
_cell.angle_gamma   120.00
#
_symmetry.space_group_name_H-M   'P 64 2 2'
#
loop_
_entity.id
_entity.type
_entity.pdbx_description
1 polymer 'FRUCTOSE-BISPHOSPHATE ALDOLASE'
2 non-polymer '1,6-FRUCTOSE DIPHOSPHATE (LINEAR FORM)'
#
_entity_poly.entity_id   1
_entity_poly.type   'polypeptide(L)'
_entity_poly.pdbx_seq_one_letter_code
;PYQYPALTPEQKKELSDIAHRIVAPGKGILAADESTGSIAKRLQSIGTENTEENRRFYRQLLLTADDRVNPCIGGVILFH
ETLYQKADDGRPFPQVIKSKGGVVGIKVDKGVVPLAGTNGETTTQGLDGLSERCAQYKKDGADFAKWRCVLKIGEHTPSA
LAIMENANVLARYASICQQNGIVPIVEPEILPDGDHDLKRCQYVTEKVLAAVYKALSDHHIYLEGTLLKPNMVTPGHACT
QKFSHEEIAMATVTALRRTVPPAVTGITFLSGGQSEEEASINLNAINKCPLLKPWALTFSYGRALQASALKAWGGKKENL
KAAQEEYVKRALANSLACQGKYTPSGQAGAAASESLFVSNHAY
;
_entity_poly.pdbx_strand_id   A
#
loop_
_chem_comp.id
_chem_comp.type
_chem_comp.name
_chem_comp.formula
2FP saccharide '1,6-FRUCTOSE DIPHOSPHATE (LINEAR FORM)' 'C6 H14 O12 P2'
#
# COMPACT_ATOMS: atom_id res chain seq x y z
N PRO A 1 19.64 22.42 -16.79
CA PRO A 1 18.38 22.64 -17.55
C PRO A 1 17.67 23.88 -17.08
N TYR A 2 16.38 24.05 -17.27
CA TYR A 2 15.66 25.28 -16.90
C TYR A 2 14.22 25.06 -16.56
N GLN A 3 13.85 25.54 -15.40
CA GLN A 3 12.82 25.82 -14.50
C GLN A 3 11.73 26.80 -14.95
N TYR A 4 10.62 26.11 -15.15
CA TYR A 4 9.27 26.64 -15.33
C TYR A 4 8.54 25.83 -14.27
N PRO A 5 8.77 26.27 -13.04
CA PRO A 5 8.19 25.54 -11.86
C PRO A 5 6.89 24.82 -11.94
N ALA A 6 6.75 23.57 -11.70
CA ALA A 6 5.63 22.65 -11.60
C ALA A 6 4.54 23.07 -10.59
N LEU A 7 5.02 23.66 -9.49
CA LEU A 7 4.16 23.79 -8.33
C LEU A 7 4.36 25.12 -7.61
N THR A 8 3.44 25.68 -6.86
CA THR A 8 3.77 26.94 -6.17
C THR A 8 4.17 26.62 -4.74
N PRO A 9 4.63 27.61 -4.00
CA PRO A 9 4.94 27.35 -2.58
C PRO A 9 3.66 26.89 -1.90
N GLU A 10 2.59 27.58 -2.27
CA GLU A 10 1.34 27.14 -1.66
C GLU A 10 1.03 25.69 -1.99
N GLN A 11 1.23 25.37 -3.31
CA GLN A 11 0.98 23.96 -3.51
C GLN A 11 2.04 23.07 -2.92
N LYS A 12 3.31 23.47 -2.73
CA LYS A 12 4.24 22.51 -2.16
C LYS A 12 3.80 22.17 -0.74
N LYS A 13 3.19 23.12 -0.05
CA LYS A 13 2.85 23.11 1.32
C LYS A 13 1.62 22.23 1.59
N GLU A 14 0.59 22.31 0.72
CA GLU A 14 -0.52 21.45 1.00
C GLU A 14 -0.03 20.01 0.91
N LEU A 15 0.78 19.74 -0.14
CA LEU A 15 1.32 18.44 -0.39
C LEU A 15 2.16 17.85 0.68
N SER A 16 2.95 18.61 1.38
CA SER A 16 3.81 17.92 2.37
C SER A 16 3.02 17.62 3.65
N ASP A 17 1.98 18.50 3.87
CA ASP A 17 1.15 18.40 5.04
C ASP A 17 0.35 17.14 4.77
N ILE A 18 -0.33 16.80 3.70
CA ILE A 18 -1.17 15.63 3.65
C ILE A 18 -0.20 14.47 3.76
N ALA A 19 0.95 14.57 3.15
CA ALA A 19 1.94 13.54 3.30
C ALA A 19 2.42 13.24 4.72
N HIS A 20 2.69 14.21 5.55
CA HIS A 20 3.04 14.10 6.95
C HIS A 20 2.03 13.50 7.84
N ARG A 21 0.76 13.85 7.69
CA ARG A 21 -0.34 13.27 8.50
C ARG A 21 -0.53 11.79 8.22
N ILE A 22 -0.49 11.45 6.94
CA ILE A 22 -0.65 10.03 6.64
C ILE A 22 0.27 9.22 7.56
N VAL A 23 1.58 9.53 7.54
CA VAL A 23 2.49 8.59 8.18
C VAL A 23 3.14 9.18 9.39
N ALA A 24 2.30 9.91 10.09
CA ALA A 24 2.67 10.33 11.54
C ALA A 24 2.99 9.23 12.50
N PRO A 25 3.77 9.54 13.50
CA PRO A 25 4.37 8.46 14.34
C PRO A 25 3.28 7.54 14.83
N GLY A 26 3.28 6.27 14.65
CA GLY A 26 2.27 5.35 15.00
C GLY A 26 1.27 5.07 13.93
N LYS A 27 1.08 5.96 12.94
CA LYS A 27 0.10 5.61 11.92
C LYS A 27 0.57 4.85 10.64
N GLY A 28 -0.38 4.23 9.99
CA GLY A 28 -0.27 3.53 8.81
C GLY A 28 -1.49 3.69 7.92
N ILE A 29 -1.58 2.99 6.82
CA ILE A 29 -2.71 3.19 5.91
C ILE A 29 -3.51 1.87 5.88
N LEU A 30 -4.85 1.91 5.97
CA LEU A 30 -5.57 0.67 5.60
C LEU A 30 -5.84 0.65 4.05
N ALA A 31 -5.49 -0.34 3.33
CA ALA A 31 -5.62 -0.50 1.92
C ALA A 31 -6.95 -1.23 1.61
N ALA A 32 -8.03 -0.49 1.47
CA ALA A 32 -9.33 -1.19 1.44
C ALA A 32 -9.85 -1.15 0.01
N ASP A 33 -9.10 -1.08 -1.06
CA ASP A 33 -9.39 -0.70 -2.40
C ASP A 33 -9.41 -1.75 -3.46
N GLU A 34 -9.36 -3.04 -3.11
CA GLU A 34 -9.74 -4.15 -3.97
C GLU A 34 -10.84 -3.66 -4.88
N SER A 35 -10.69 -3.96 -6.11
CA SER A 35 -11.78 -3.84 -7.09
C SER A 35 -12.81 -4.91 -6.74
N THR A 36 -13.84 -4.77 -7.53
CA THR A 36 -15.02 -5.61 -7.39
C THR A 36 -14.77 -7.07 -7.63
N GLY A 37 -13.99 -7.42 -8.60
CA GLY A 37 -13.54 -8.74 -8.91
C GLY A 37 -12.50 -9.36 -8.01
N SER A 38 -11.68 -8.54 -7.30
CA SER A 38 -10.85 -9.06 -6.23
C SER A 38 -11.69 -9.12 -4.97
N ILE A 39 -12.64 -8.21 -4.67
CA ILE A 39 -13.29 -8.38 -3.38
C ILE A 39 -14.20 -9.62 -3.35
N ALA A 40 -14.64 -9.87 -4.58
CA ALA A 40 -15.55 -10.96 -4.92
C ALA A 40 -14.82 -12.27 -4.64
N LYS A 41 -13.59 -12.38 -5.06
CA LYS A 41 -12.80 -13.59 -4.80
C LYS A 41 -12.62 -13.80 -3.29
N ARG A 42 -12.54 -12.67 -2.59
CA ARG A 42 -12.42 -12.72 -1.14
C ARG A 42 -13.73 -13.12 -0.54
N LEU A 43 -14.84 -12.49 -0.92
CA LEU A 43 -16.14 -12.89 -0.30
C LEU A 43 -16.50 -14.35 -0.51
N GLN A 44 -16.03 -15.00 -1.55
CA GLN A 44 -16.30 -16.40 -1.82
C GLN A 44 -15.82 -17.22 -0.62
N SER A 45 -14.63 -16.87 -0.14
CA SER A 45 -13.92 -17.57 0.90
C SER A 45 -14.87 -17.81 2.05
N ILE A 46 -15.86 -17.02 2.38
CA ILE A 46 -16.78 -17.10 3.46
C ILE A 46 -18.18 -17.23 2.89
N GLY A 47 -18.21 -17.82 1.71
CA GLY A 47 -19.41 -18.07 0.93
C GLY A 47 -20.52 -17.01 1.01
N THR A 48 -20.29 -15.80 0.62
CA THR A 48 -21.20 -14.73 0.71
C THR A 48 -21.32 -14.12 -0.66
N GLU A 49 -22.47 -13.65 -1.14
CA GLU A 49 -22.60 -13.04 -2.46
C GLU A 49 -21.88 -11.70 -2.53
N ASN A 50 -21.22 -11.60 -3.67
CA ASN A 50 -20.48 -10.44 -4.05
C ASN A 50 -21.41 -9.46 -4.69
N THR A 51 -22.10 -8.64 -3.96
CA THR A 51 -23.13 -7.69 -4.35
C THR A 51 -22.72 -6.34 -3.76
N GLU A 52 -23.48 -5.30 -3.71
CA GLU A 52 -23.14 -3.94 -3.53
C GLU A 52 -23.40 -3.74 -2.06
N GLU A 53 -24.50 -4.23 -1.57
CA GLU A 53 -24.71 -4.05 -0.14
C GLU A 53 -23.62 -4.81 0.62
N ASN A 54 -23.36 -6.08 0.23
CA ASN A 54 -22.40 -6.78 1.07
C ASN A 54 -21.10 -5.98 1.04
N ARG A 55 -20.77 -5.43 -0.18
CA ARG A 55 -19.47 -4.80 -0.28
C ARG A 55 -19.64 -3.58 0.57
N ARG A 56 -20.72 -2.85 0.67
CA ARG A 56 -20.85 -1.68 1.47
C ARG A 56 -20.73 -1.99 2.92
N PHE A 57 -21.25 -3.17 3.26
CA PHE A 57 -21.38 -3.52 4.66
C PHE A 57 -19.95 -3.79 5.14
N TYR A 58 -19.34 -4.61 4.27
CA TYR A 58 -18.03 -5.08 4.62
C TYR A 58 -17.00 -3.99 4.98
N ARG A 59 -16.98 -2.95 4.17
CA ARG A 59 -16.29 -1.70 4.28
C ARG A 59 -16.76 -0.86 5.45
N GLN A 60 -18.11 -0.89 5.60
CA GLN A 60 -18.71 -0.26 6.76
C GLN A 60 -18.09 -0.90 8.02
N LEU A 61 -17.92 -2.27 8.06
CA LEU A 61 -17.39 -2.86 9.25
C LEU A 61 -15.92 -2.58 9.40
N LEU A 62 -15.06 -2.42 8.45
CA LEU A 62 -13.74 -1.92 8.66
C LEU A 62 -13.78 -0.42 9.00
N LEU A 63 -14.46 0.57 8.45
CA LEU A 63 -14.29 1.96 8.80
C LEU A 63 -14.93 2.54 10.05
N THR A 64 -15.61 1.67 10.83
CA THR A 64 -16.46 2.26 11.85
C THR A 64 -16.32 1.49 13.13
N ALA A 65 -15.27 0.67 13.09
CA ALA A 65 -14.64 -0.02 14.26
C ALA A 65 -14.28 1.01 15.35
N ASP A 66 -13.94 0.67 16.59
CA ASP A 66 -14.03 1.76 17.58
C ASP A 66 -12.87 2.73 17.50
N ASP A 67 -12.68 3.67 18.39
CA ASP A 67 -11.68 4.71 18.44
C ASP A 67 -10.34 4.21 18.89
N ARG A 68 -10.14 2.95 19.21
CA ARG A 68 -8.85 2.46 19.49
C ARG A 68 -7.95 2.34 18.20
N VAL A 69 -8.53 2.38 17.05
CA VAL A 69 -8.03 2.35 15.73
C VAL A 69 -7.75 3.81 15.36
N ASN A 70 -8.34 4.82 15.94
CA ASN A 70 -7.96 6.16 15.49
C ASN A 70 -6.51 6.56 15.43
N PRO A 71 -5.74 6.49 16.52
CA PRO A 71 -4.36 6.89 16.51
C PRO A 71 -3.52 5.97 15.60
N CYS A 72 -3.97 4.77 15.26
CA CYS A 72 -3.43 3.81 14.35
C CYS A 72 -3.54 3.98 12.82
N ILE A 73 -4.52 4.72 12.31
CA ILE A 73 -4.74 4.61 10.84
C ILE A 73 -4.55 5.97 10.27
N GLY A 74 -3.48 6.46 9.61
CA GLY A 74 -3.41 7.79 9.04
C GLY A 74 -4.19 7.90 7.72
N GLY A 75 -4.62 6.74 7.10
CA GLY A 75 -5.39 6.94 5.92
C GLY A 75 -5.85 5.66 5.34
N VAL A 76 -6.82 5.80 4.46
CA VAL A 76 -7.49 4.58 4.05
C VAL A 76 -7.57 4.66 2.54
N ILE A 77 -7.05 3.74 1.77
CA ILE A 77 -7.26 3.72 0.35
C ILE A 77 -8.60 2.95 0.03
N LEU A 78 -9.45 3.76 -0.56
CA LEU A 78 -10.67 3.37 -1.14
C LEU A 78 -10.48 3.16 -2.67
N PHE A 79 -11.26 2.21 -3.20
CA PHE A 79 -11.88 1.97 -4.47
C PHE A 79 -13.04 2.90 -4.82
N HIS A 80 -13.11 3.48 -5.97
CA HIS A 80 -13.99 4.45 -6.53
C HIS A 80 -15.41 4.23 -6.05
N GLU A 81 -16.01 3.00 -6.24
CA GLU A 81 -17.31 2.74 -5.56
C GLU A 81 -17.41 3.16 -4.11
N THR A 82 -16.63 2.85 -3.13
CA THR A 82 -16.80 2.97 -1.69
C THR A 82 -16.68 4.45 -1.39
N LEU A 83 -16.03 5.22 -2.30
CA LEU A 83 -15.92 6.62 -2.17
C LEU A 83 -17.33 7.22 -2.17
N TYR A 84 -18.26 6.63 -2.94
CA TYR A 84 -19.53 7.30 -2.91
C TYR A 84 -20.53 6.60 -2.06
N GLN A 85 -20.17 5.85 -1.04
CA GLN A 85 -21.07 5.04 -0.27
C GLN A 85 -21.25 5.68 1.07
N LYS A 86 -22.34 5.36 1.73
CA LYS A 86 -22.74 5.80 3.04
C LYS A 86 -22.74 4.66 4.05
N ALA A 87 -22.25 5.02 5.27
CA ALA A 87 -22.55 4.16 6.46
C ALA A 87 -24.06 4.21 6.71
N ASP A 88 -24.68 3.38 7.52
CA ASP A 88 -26.09 3.31 7.80
C ASP A 88 -26.61 4.45 8.64
N ASP A 89 -25.84 5.33 9.23
CA ASP A 89 -26.04 6.60 9.84
C ASP A 89 -26.25 7.72 8.80
N GLY A 90 -26.10 7.29 7.55
CA GLY A 90 -26.32 8.05 6.36
C GLY A 90 -25.26 9.06 5.97
N ARG A 91 -24.19 9.02 6.72
CA ARG A 91 -23.00 9.80 6.42
C ARG A 91 -22.14 8.86 5.59
N PRO A 92 -21.68 9.47 4.51
CA PRO A 92 -20.76 8.80 3.56
C PRO A 92 -19.41 8.55 4.21
N PHE A 93 -18.71 7.55 3.75
CA PHE A 93 -17.49 7.01 4.25
C PHE A 93 -16.31 7.91 4.18
N PRO A 94 -16.12 8.87 3.28
CA PRO A 94 -15.11 9.91 3.48
C PRO A 94 -15.34 10.75 4.72
N GLN A 95 -16.55 11.06 5.11
CA GLN A 95 -16.82 11.78 6.36
C GLN A 95 -16.60 10.76 7.48
N VAL A 96 -16.96 9.51 7.42
CA VAL A 96 -16.57 8.63 8.54
C VAL A 96 -15.05 8.58 8.78
N ILE A 97 -14.26 8.30 7.71
CA ILE A 97 -12.83 8.32 7.74
C ILE A 97 -12.39 9.66 8.31
N LYS A 98 -12.73 10.82 7.80
CA LYS A 98 -12.17 12.06 8.36
C LYS A 98 -12.37 12.18 9.87
N SER A 99 -13.63 12.06 10.29
CA SER A 99 -14.04 12.14 11.66
C SER A 99 -13.23 11.18 12.53
N LYS A 100 -12.65 10.03 12.19
CA LYS A 100 -11.88 9.31 13.16
C LYS A 100 -10.45 9.76 12.88
N GLY A 101 -10.15 10.99 12.49
CA GLY A 101 -8.91 11.50 12.10
C GLY A 101 -8.23 10.95 10.87
N GLY A 102 -8.61 10.16 9.91
CA GLY A 102 -7.68 9.71 8.87
C GLY A 102 -7.82 10.40 7.54
N VAL A 103 -6.95 10.19 6.57
CA VAL A 103 -7.01 10.99 5.30
C VAL A 103 -7.48 10.00 4.22
N VAL A 104 -8.33 10.41 3.32
CA VAL A 104 -9.05 9.56 2.43
C VAL A 104 -8.21 9.49 1.10
N GLY A 105 -7.97 8.22 0.69
CA GLY A 105 -7.42 8.07 -0.59
C GLY A 105 -8.44 7.32 -1.43
N ILE A 106 -8.07 7.32 -2.69
CA ILE A 106 -8.64 6.62 -3.83
C ILE A 106 -7.57 5.95 -4.69
N LYS A 107 -7.78 4.80 -5.27
CA LYS A 107 -6.95 4.18 -6.29
C LYS A 107 -7.36 4.67 -7.69
N VAL A 108 -6.51 5.03 -8.64
CA VAL A 108 -6.77 5.73 -9.85
C VAL A 108 -6.15 5.06 -11.09
N ASP A 109 -5.72 3.86 -10.68
CA ASP A 109 -4.99 3.11 -11.74
C ASP A 109 -5.95 2.20 -12.44
N LYS A 110 -5.86 1.85 -13.67
CA LYS A 110 -6.80 0.91 -14.25
C LYS A 110 -6.21 -0.43 -14.59
N GLY A 111 -5.28 -1.00 -13.90
CA GLY A 111 -4.81 -2.31 -14.16
C GLY A 111 -3.56 -2.25 -15.00
N VAL A 112 -3.07 -3.46 -15.07
CA VAL A 112 -1.87 -3.78 -15.86
C VAL A 112 -2.21 -4.40 -17.20
N VAL A 113 -1.39 -4.23 -18.13
CA VAL A 113 -1.57 -4.60 -19.57
C VAL A 113 -0.14 -5.19 -19.91
N PRO A 114 -0.16 -6.07 -20.87
CA PRO A 114 1.11 -6.79 -21.17
C PRO A 114 2.09 -5.96 -21.98
N LEU A 115 3.36 -5.97 -21.74
CA LEU A 115 4.30 -5.20 -22.60
C LEU A 115 4.77 -6.05 -23.78
N ALA A 116 4.51 -5.98 -25.09
CA ALA A 116 4.82 -7.02 -26.06
C ALA A 116 6.33 -7.28 -26.18
N GLY A 117 6.86 -8.47 -26.36
CA GLY A 117 8.28 -8.51 -26.59
C GLY A 117 9.00 -8.73 -25.27
N THR A 118 8.18 -9.29 -24.36
CA THR A 118 8.57 -9.50 -22.98
C THR A 118 8.27 -10.90 -22.53
N ASN A 119 9.10 -11.41 -21.56
CA ASN A 119 8.62 -12.71 -20.96
C ASN A 119 7.52 -12.47 -19.92
N GLY A 120 6.36 -11.97 -20.27
CA GLY A 120 5.29 -11.72 -19.38
C GLY A 120 5.13 -10.46 -18.62
N GLU A 121 6.03 -9.48 -18.74
CA GLU A 121 6.09 -8.19 -18.09
C GLU A 121 4.97 -7.27 -18.45
N THR A 122 4.40 -6.52 -17.49
CA THR A 122 3.34 -5.60 -17.82
C THR A 122 3.67 -4.15 -17.56
N THR A 123 2.98 -3.14 -18.01
CA THR A 123 3.06 -1.81 -17.51
C THR A 123 1.61 -1.53 -16.91
N THR A 124 1.31 -0.27 -16.55
CA THR A 124 -0.04 -0.21 -16.08
C THR A 124 -0.73 1.05 -16.68
N GLN A 125 -2.03 0.99 -17.05
CA GLN A 125 -2.71 2.10 -17.63
C GLN A 125 -3.56 2.95 -16.64
N GLY A 126 -4.25 4.01 -16.91
CA GLY A 126 -4.93 4.91 -16.13
C GLY A 126 -4.77 6.45 -16.34
N LEU A 127 -3.75 6.77 -17.17
CA LEU A 127 -3.48 8.17 -17.41
C LEU A 127 -4.59 8.80 -18.17
N ASP A 128 -5.26 8.07 -19.08
CA ASP A 128 -6.16 8.94 -19.94
C ASP A 128 -7.10 9.68 -19.02
N GLY A 129 -7.21 10.91 -18.93
CA GLY A 129 -8.11 11.78 -18.35
C GLY A 129 -8.09 11.69 -16.84
N LEU A 130 -6.89 11.38 -16.33
CA LEU A 130 -6.48 11.22 -14.99
C LEU A 130 -6.72 12.50 -14.27
N SER A 131 -6.58 13.58 -14.95
CA SER A 131 -6.38 14.81 -14.25
C SER A 131 -7.73 15.24 -13.70
N GLU A 132 -8.65 15.04 -14.69
CA GLU A 132 -10.07 15.23 -14.56
C GLU A 132 -10.52 14.43 -13.34
N ARG A 133 -10.30 13.17 -13.29
CA ARG A 133 -10.46 12.34 -12.16
C ARG A 133 -9.60 12.89 -11.01
N CYS A 134 -8.38 13.44 -11.04
CA CYS A 134 -7.86 13.90 -9.73
C CYS A 134 -8.66 15.06 -9.17
N ALA A 135 -9.07 15.95 -10.11
CA ALA A 135 -9.83 17.11 -9.75
C ALA A 135 -11.17 16.68 -9.15
N GLN A 136 -11.85 15.66 -9.64
CA GLN A 136 -13.11 15.38 -8.97
C GLN A 136 -12.91 14.72 -7.58
N TYR A 137 -11.95 13.78 -7.42
CA TYR A 137 -11.81 13.10 -6.16
C TYR A 137 -11.41 14.04 -5.02
N LYS A 138 -10.75 15.16 -5.40
CA LYS A 138 -10.21 16.10 -4.40
C LYS A 138 -11.37 16.91 -3.87
N LYS A 139 -12.30 17.35 -4.66
CA LYS A 139 -13.64 17.88 -4.51
C LYS A 139 -14.43 16.90 -3.62
N ASP A 140 -14.41 15.61 -3.82
CA ASP A 140 -15.10 14.72 -3.01
C ASP A 140 -14.35 14.33 -1.73
N GLY A 141 -13.19 14.81 -1.34
CA GLY A 141 -12.55 14.42 -0.12
C GLY A 141 -11.43 13.46 -0.08
N ALA A 142 -10.89 13.07 -1.24
CA ALA A 142 -9.70 12.25 -1.39
C ALA A 142 -8.58 13.26 -1.36
N ASP A 143 -7.53 13.08 -0.63
CA ASP A 143 -6.29 13.81 -0.69
C ASP A 143 -5.02 13.04 -1.10
N PHE A 144 -5.19 11.74 -1.29
CA PHE A 144 -4.10 10.98 -1.79
C PHE A 144 -4.66 9.85 -2.64
N ALA A 145 -3.76 9.46 -3.60
CA ALA A 145 -4.18 8.49 -4.62
C ALA A 145 -3.30 7.28 -4.59
N LYS A 146 -3.45 6.20 -5.30
CA LYS A 146 -2.46 5.16 -5.27
C LYS A 146 -2.42 4.53 -6.65
N TRP A 147 -1.20 4.24 -7.19
CA TRP A 147 -1.13 3.64 -8.53
C TRP A 147 -0.22 2.43 -8.41
N ARG A 148 -0.71 1.30 -8.88
CA ARG A 148 0.22 0.18 -8.76
C ARG A 148 0.97 -0.31 -10.00
N CYS A 149 2.25 -0.70 -9.88
CA CYS A 149 3.04 -1.25 -10.93
C CYS A 149 3.60 -2.60 -10.51
N VAL A 150 3.88 -3.56 -11.36
CA VAL A 150 4.26 -4.85 -10.95
C VAL A 150 5.57 -5.31 -11.46
N LEU A 151 6.68 -5.63 -10.83
CA LEU A 151 7.79 -6.08 -11.72
C LEU A 151 7.90 -7.59 -11.47
N LYS A 152 8.72 -8.45 -12.03
CA LYS A 152 8.69 -9.86 -11.67
C LYS A 152 10.15 -10.37 -11.63
N ILE A 153 10.53 -11.21 -10.68
CA ILE A 153 11.89 -11.71 -10.82
C ILE A 153 11.91 -13.05 -11.51
N GLY A 154 12.56 -13.20 -12.65
CA GLY A 154 12.53 -14.43 -13.44
C GLY A 154 13.88 -14.62 -14.08
N GLU A 155 14.08 -15.57 -15.00
CA GLU A 155 15.48 -15.67 -15.48
C GLU A 155 15.82 -14.39 -16.26
N HIS A 156 14.85 -13.88 -17.08
CA HIS A 156 15.38 -12.75 -17.86
C HIS A 156 14.67 -11.52 -17.53
N THR A 157 13.94 -11.53 -16.40
CA THR A 157 13.18 -10.35 -15.96
C THR A 157 13.49 -9.82 -14.59
N PRO A 158 13.22 -8.63 -14.28
CA PRO A 158 12.61 -7.52 -14.93
C PRO A 158 13.54 -7.09 -16.07
N SER A 159 12.98 -6.98 -17.27
CA SER A 159 13.79 -6.49 -18.39
C SER A 159 13.92 -4.96 -18.19
N ALA A 160 14.94 -4.50 -18.81
CA ALA A 160 15.28 -3.09 -18.85
C ALA A 160 14.03 -2.31 -19.35
N LEU A 161 13.16 -2.85 -20.22
CA LEU A 161 12.24 -1.94 -20.79
C LEU A 161 11.21 -1.88 -19.69
N ALA A 162 10.98 -3.12 -19.15
CA ALA A 162 10.06 -3.21 -17.99
C ALA A 162 10.43 -2.20 -16.92
N ILE A 163 11.71 -2.15 -16.45
CA ILE A 163 12.02 -1.16 -15.42
C ILE A 163 11.64 0.29 -15.85
N MET A 164 12.00 0.55 -17.10
CA MET A 164 11.95 1.90 -17.65
C MET A 164 10.55 2.44 -17.91
N GLU A 165 9.65 1.65 -18.44
CA GLU A 165 8.29 1.89 -18.58
C GLU A 165 7.62 2.08 -17.26
N ASN A 166 7.81 1.19 -16.32
CA ASN A 166 7.11 1.18 -15.09
C ASN A 166 7.49 2.39 -14.30
N ALA A 167 8.71 2.75 -14.27
CA ALA A 167 9.27 3.97 -13.72
C ALA A 167 8.59 5.11 -14.45
N ASN A 168 8.48 5.10 -15.74
CA ASN A 168 8.06 6.41 -16.23
C ASN A 168 6.57 6.75 -16.09
N VAL A 169 5.75 5.66 -16.08
CA VAL A 169 4.34 5.82 -15.87
C VAL A 169 4.19 6.01 -14.38
N LEU A 170 5.04 5.59 -13.42
CA LEU A 170 4.79 6.14 -12.08
C LEU A 170 4.88 7.67 -12.08
N ALA A 171 5.80 8.29 -12.82
CA ALA A 171 6.18 9.64 -12.71
C ALA A 171 5.19 10.51 -13.43
N ARG A 172 4.74 10.05 -14.55
CA ARG A 172 3.57 10.72 -15.19
C ARG A 172 2.36 10.86 -14.24
N TYR A 173 2.01 9.71 -13.62
CA TYR A 173 0.93 9.69 -12.71
C TYR A 173 1.13 10.64 -11.52
N ALA A 174 2.38 10.66 -10.98
CA ALA A 174 2.85 11.39 -9.86
C ALA A 174 2.53 12.88 -10.20
N SER A 175 2.90 13.28 -11.40
CA SER A 175 2.91 14.72 -11.67
C SER A 175 1.51 15.30 -11.73
N ILE A 176 0.60 14.52 -12.38
CA ILE A 176 -0.74 14.85 -12.70
C ILE A 176 -1.35 14.86 -11.29
N CYS A 177 -1.16 13.90 -10.40
CA CYS A 177 -1.73 14.06 -9.08
C CYS A 177 -1.26 15.37 -8.46
N GLN A 178 -0.02 15.81 -8.45
CA GLN A 178 0.53 16.86 -7.61
C GLN A 178 -0.12 18.21 -8.03
N GLN A 179 -0.51 18.23 -9.28
CA GLN A 179 -1.10 19.36 -9.90
C GLN A 179 -2.57 19.46 -9.47
N ASN A 180 -3.23 18.50 -8.83
CA ASN A 180 -4.57 18.50 -8.37
C ASN A 180 -4.55 18.49 -6.84
N GLY A 181 -3.35 18.63 -6.23
CA GLY A 181 -3.45 18.78 -4.76
C GLY A 181 -3.54 17.42 -4.22
N ILE A 182 -2.99 16.33 -4.74
CA ILE A 182 -3.25 14.99 -4.23
C ILE A 182 -1.90 14.34 -4.02
N VAL A 183 -1.59 13.71 -2.95
CA VAL A 183 -0.36 13.00 -2.79
C VAL A 183 -0.51 11.62 -3.46
N PRO A 184 0.44 11.36 -4.35
CA PRO A 184 0.55 10.09 -4.97
C PRO A 184 1.32 9.17 -4.06
N ILE A 185 0.69 8.05 -3.67
CA ILE A 185 1.45 6.92 -3.15
C ILE A 185 2.20 6.26 -4.27
N VAL A 186 3.43 5.88 -4.41
CA VAL A 186 4.07 5.23 -5.59
C VAL A 186 4.30 3.76 -5.29
N GLU A 187 3.66 2.92 -6.07
CA GLU A 187 3.90 1.51 -5.88
C GLU A 187 4.54 0.78 -7.00
N PRO A 188 5.86 0.69 -6.91
CA PRO A 188 6.67 -0.18 -7.77
C PRO A 188 6.70 -1.51 -7.03
N GLU A 189 5.78 -2.42 -7.14
CA GLU A 189 5.90 -3.74 -6.58
C GLU A 189 6.76 -4.80 -7.34
N ILE A 190 7.84 -5.29 -6.57
CA ILE A 190 8.49 -6.41 -7.19
C ILE A 190 7.69 -7.57 -6.68
N LEU A 191 7.13 -8.43 -7.50
CA LEU A 191 6.45 -9.63 -6.95
C LEU A 191 7.34 -10.54 -6.12
N PRO A 192 6.67 -11.22 -5.17
CA PRO A 192 7.33 -12.27 -4.40
C PRO A 192 7.40 -13.54 -5.19
N ASP A 193 6.63 -13.90 -6.16
CA ASP A 193 6.70 -15.19 -6.81
C ASP A 193 8.05 -15.62 -7.33
N GLY A 194 8.44 -16.83 -7.28
CA GLY A 194 9.61 -17.41 -7.86
C GLY A 194 10.43 -18.14 -6.83
N ASP A 195 11.62 -18.56 -7.15
CA ASP A 195 12.51 -19.13 -6.18
C ASP A 195 13.79 -18.34 -6.11
N HIS A 196 13.71 -17.04 -6.24
CA HIS A 196 14.90 -16.25 -5.88
C HIS A 196 15.14 -16.18 -4.38
N ASP A 197 16.40 -15.82 -4.10
CA ASP A 197 16.76 -15.73 -2.67
C ASP A 197 16.65 -14.27 -2.24
N LEU A 198 17.12 -14.06 -1.02
CA LEU A 198 17.04 -12.78 -0.38
C LEU A 198 17.91 -11.79 -1.08
N LYS A 199 19.13 -12.15 -1.41
CA LYS A 199 20.02 -11.31 -2.19
C LYS A 199 19.58 -11.00 -3.58
N ARG A 200 18.89 -11.70 -4.39
CA ARG A 200 18.47 -11.30 -5.72
C ARG A 200 17.40 -10.19 -5.56
N CYS A 201 16.46 -10.50 -4.61
CA CYS A 201 15.39 -9.60 -4.31
C CYS A 201 16.06 -8.21 -3.99
N GLN A 202 17.13 -8.25 -3.20
CA GLN A 202 17.74 -6.99 -2.81
C GLN A 202 18.33 -6.23 -4.01
N TYR A 203 19.01 -6.98 -4.88
CA TYR A 203 19.60 -6.48 -6.05
C TYR A 203 18.44 -5.87 -6.82
N VAL A 204 17.41 -6.68 -7.08
CA VAL A 204 16.38 -6.10 -7.93
C VAL A 204 15.73 -4.90 -7.23
N THR A 205 15.59 -4.68 -5.88
CA THR A 205 14.76 -3.63 -5.40
C THR A 205 15.56 -2.38 -5.71
N GLU A 206 16.87 -2.63 -5.54
CA GLU A 206 17.85 -1.56 -5.76
C GLU A 206 17.85 -1.08 -7.20
N LYS A 207 17.94 -1.88 -8.24
CA LYS A 207 17.94 -1.33 -9.55
C LYS A 207 16.55 -0.71 -9.77
N VAL A 208 15.39 -1.19 -9.46
CA VAL A 208 14.08 -0.65 -9.58
C VAL A 208 13.89 0.71 -8.94
N LEU A 209 14.36 0.97 -7.76
CA LEU A 209 14.03 2.15 -6.95
C LEU A 209 14.83 3.33 -7.44
N ALA A 210 15.99 2.87 -7.93
CA ALA A 210 16.95 3.79 -8.59
C ALA A 210 16.32 4.39 -9.85
N ALA A 211 15.81 3.49 -10.73
CA ALA A 211 15.03 3.84 -11.84
C ALA A 211 13.85 4.67 -11.31
N VAL A 212 12.92 4.33 -10.52
CA VAL A 212 11.92 5.26 -10.08
C VAL A 212 12.40 6.66 -9.68
N TYR A 213 13.15 6.92 -8.64
CA TYR A 213 13.75 8.19 -8.33
C TYR A 213 14.39 8.88 -9.53
N LYS A 214 15.14 8.26 -10.45
CA LYS A 214 15.53 9.16 -11.57
C LYS A 214 14.32 9.64 -12.38
N ALA A 215 13.41 8.68 -12.59
CA ALA A 215 12.32 9.06 -13.39
C ALA A 215 11.65 10.29 -12.75
N LEU A 216 11.22 10.24 -11.48
CA LEU A 216 10.57 11.24 -10.67
C LEU A 216 11.19 12.64 -10.79
N SER A 217 12.59 12.57 -10.83
CA SER A 217 13.39 13.76 -10.93
C SER A 217 13.37 14.28 -12.39
N ASP A 218 13.28 13.38 -13.39
CA ASP A 218 13.13 13.85 -14.70
C ASP A 218 11.82 14.64 -14.86
N HIS A 219 10.72 14.15 -14.32
CA HIS A 219 9.33 14.45 -14.42
C HIS A 219 8.97 15.60 -13.50
N HIS A 220 10.00 16.11 -12.82
CA HIS A 220 9.90 17.22 -11.89
C HIS A 220 9.15 16.83 -10.66
N ILE A 221 9.08 15.66 -10.13
CA ILE A 221 8.04 15.56 -9.06
C ILE A 221 8.42 15.87 -7.66
N TYR A 222 7.70 16.49 -6.75
CA TYR A 222 8.04 17.14 -5.52
C TYR A 222 7.82 16.08 -4.44
N LEU A 223 8.98 15.56 -4.08
CA LEU A 223 9.22 14.33 -3.43
C LEU A 223 8.69 14.25 -2.00
N GLU A 224 8.81 15.35 -1.28
CA GLU A 224 8.22 15.60 0.04
C GLU A 224 6.71 15.44 -0.02
N GLY A 225 6.09 15.70 -1.16
CA GLY A 225 4.71 15.53 -1.34
C GLY A 225 4.52 14.11 -1.79
N THR A 226 5.31 13.06 -1.61
CA THR A 226 4.95 11.75 -2.10
C THR A 226 5.11 10.71 -1.08
N LEU A 227 4.80 9.46 -1.21
CA LEU A 227 5.20 8.35 -0.37
C LEU A 227 5.66 7.16 -1.20
N LEU A 228 6.67 6.39 -0.92
CA LEU A 228 6.94 5.14 -1.54
C LEU A 228 6.06 3.98 -1.10
N LYS A 229 5.56 3.08 -1.87
CA LYS A 229 5.03 1.84 -1.36
C LYS A 229 5.68 0.63 -2.07
N PRO A 230 6.75 0.11 -1.47
CA PRO A 230 7.52 -0.99 -2.03
C PRO A 230 7.36 -2.31 -1.29
N ASN A 231 7.83 -3.36 -1.91
CA ASN A 231 7.90 -4.72 -1.45
C ASN A 231 8.89 -4.62 -0.29
N MET A 232 8.85 -5.39 0.75
CA MET A 232 10.03 -5.53 1.61
C MET A 232 10.98 -6.48 0.95
N VAL A 233 12.27 -6.62 1.15
CA VAL A 233 13.10 -7.51 0.34
C VAL A 233 12.98 -8.83 1.08
N THR A 234 12.51 -9.86 0.48
CA THR A 234 12.27 -11.18 1.06
C THR A 234 12.73 -12.18 0.01
N PRO A 235 13.05 -13.42 0.33
CA PRO A 235 13.29 -14.45 -0.67
C PRO A 235 11.95 -14.56 -1.39
N GLY A 236 11.93 -15.52 -2.25
CA GLY A 236 10.79 -15.77 -3.12
C GLY A 236 10.01 -16.84 -2.44
N HIS A 237 8.78 -16.95 -2.71
CA HIS A 237 7.86 -17.90 -2.13
C HIS A 237 8.35 -19.28 -2.40
N ALA A 238 8.93 -19.76 -3.45
CA ALA A 238 9.48 -21.02 -3.72
C ALA A 238 10.88 -21.22 -3.20
N CYS A 239 11.49 -20.43 -2.38
CA CYS A 239 12.84 -20.45 -1.98
C CYS A 239 13.13 -21.49 -0.90
N THR A 240 14.28 -22.19 -1.12
CA THR A 240 14.55 -23.26 -0.18
C THR A 240 15.32 -22.83 1.02
N GLN A 241 16.30 -21.96 0.89
CA GLN A 241 16.69 -21.20 2.08
C GLN A 241 15.62 -20.48 2.91
N LYS A 242 15.89 -20.67 4.23
CA LYS A 242 15.17 -19.92 5.23
C LYS A 242 16.09 -18.79 5.67
N PHE A 243 15.43 -17.63 5.93
CA PHE A 243 16.08 -16.40 6.32
C PHE A 243 15.49 -15.77 7.58
N SER A 244 16.16 -15.09 8.42
CA SER A 244 15.63 -14.67 9.68
C SER A 244 14.83 -13.40 9.38
N HIS A 245 14.38 -12.75 10.44
CA HIS A 245 13.57 -11.59 10.24
C HIS A 245 14.53 -10.37 10.32
N GLU A 246 15.71 -10.64 10.95
CA GLU A 246 16.56 -9.45 11.09
C GLU A 246 17.33 -9.40 9.73
N GLU A 247 17.44 -10.63 9.21
CA GLU A 247 18.03 -10.54 7.88
C GLU A 247 17.07 -9.75 6.92
N ILE A 248 15.76 -10.19 6.91
CA ILE A 248 14.89 -9.53 6.00
C ILE A 248 14.95 -8.07 6.38
N ALA A 249 14.98 -7.71 7.67
CA ALA A 249 14.96 -6.26 7.96
C ALA A 249 16.14 -5.53 7.37
N MET A 250 17.32 -6.05 7.34
CA MET A 250 18.61 -5.56 6.92
C MET A 250 18.62 -5.42 5.42
N ALA A 251 18.20 -6.56 4.85
CA ALA A 251 18.08 -6.56 3.39
C ALA A 251 17.23 -5.29 3.04
N THR A 252 16.05 -5.22 3.59
CA THR A 252 15.19 -4.13 3.37
C THR A 252 15.71 -2.78 3.69
N VAL A 253 16.20 -2.41 4.83
CA VAL A 253 16.57 -1.06 5.10
C VAL A 253 17.84 -0.71 4.32
N THR A 254 18.67 -1.72 3.98
CA THR A 254 19.84 -1.33 3.21
C THR A 254 19.38 -0.96 1.78
N ALA A 255 18.58 -1.82 1.16
CA ALA A 255 18.20 -1.36 -0.15
C ALA A 255 17.58 0.00 -0.14
N LEU A 256 16.73 0.34 0.84
CA LEU A 256 16.03 1.63 0.92
C LEU A 256 16.97 2.77 1.24
N ARG A 257 18.11 2.54 1.88
CA ARG A 257 19.12 3.55 2.20
C ARG A 257 20.05 3.91 1.10
N ARG A 258 20.03 3.05 0.12
CA ARG A 258 20.93 3.12 -1.05
C ARG A 258 20.18 3.77 -2.18
N THR A 259 18.89 3.97 -1.99
CA THR A 259 18.17 4.48 -3.15
C THR A 259 17.20 5.58 -2.80
N VAL A 260 16.60 5.68 -1.63
CA VAL A 260 15.40 6.53 -1.52
C VAL A 260 15.93 7.78 -0.89
N PRO A 261 15.64 8.92 -1.51
CA PRO A 261 16.17 10.13 -0.80
C PRO A 261 15.52 10.52 0.50
N PRO A 262 16.30 11.27 1.32
CA PRO A 262 15.75 11.67 2.64
C PRO A 262 14.70 12.69 2.41
N ALA A 263 14.31 13.42 1.44
CA ALA A 263 13.18 14.23 1.24
C ALA A 263 11.94 13.34 1.10
N VAL A 264 11.91 12.04 0.85
CA VAL A 264 10.59 11.40 0.71
C VAL A 264 9.98 11.42 2.08
N THR A 265 8.73 11.82 2.36
CA THR A 265 8.12 11.69 3.68
C THR A 265 8.03 10.39 4.39
N GLY A 266 7.74 9.30 3.78
CA GLY A 266 7.63 8.01 4.53
C GLY A 266 7.34 6.88 3.54
N ILE A 267 7.77 5.71 4.02
CA ILE A 267 7.61 4.61 3.02
C ILE A 267 6.54 3.77 3.69
N THR A 268 5.47 3.46 2.97
CA THR A 268 4.47 2.59 3.61
C THR A 268 4.62 1.24 2.99
N PHE A 269 5.02 0.20 3.72
CA PHE A 269 5.13 -1.18 3.19
C PHE A 269 3.97 -2.00 2.59
N LEU A 270 4.09 -2.86 1.57
CA LEU A 270 2.96 -3.72 1.18
C LEU A 270 3.08 -5.08 1.86
N SER A 271 2.07 -5.92 1.99
CA SER A 271 2.10 -7.12 2.88
C SER A 271 2.81 -8.22 2.08
N GLY A 272 2.41 -8.25 0.80
CA GLY A 272 2.60 -8.97 -0.36
C GLY A 272 2.62 -10.45 -0.17
N GLY A 273 1.58 -11.07 0.36
CA GLY A 273 1.66 -12.49 0.72
C GLY A 273 1.91 -12.75 2.19
N GLN A 274 2.75 -12.02 2.90
CA GLN A 274 2.82 -12.38 4.29
C GLN A 274 1.41 -12.26 4.87
N SER A 275 1.26 -13.13 5.85
CA SER A 275 0.22 -13.30 6.79
C SER A 275 0.21 -12.19 7.84
N GLU A 276 -0.82 -12.05 8.64
CA GLU A 276 -0.97 -10.98 9.58
C GLU A 276 0.18 -10.90 10.53
N GLU A 277 0.44 -11.92 11.38
CA GLU A 277 1.76 -11.93 12.08
C GLU A 277 2.99 -11.79 11.21
N GLU A 278 3.19 -12.60 10.12
CA GLU A 278 4.45 -12.43 9.42
C GLU A 278 4.72 -10.97 9.01
N ALA A 279 3.79 -10.21 8.41
CA ALA A 279 3.90 -8.81 8.17
C ALA A 279 4.35 -7.91 9.27
N SER A 280 3.72 -7.94 10.42
CA SER A 280 3.89 -7.21 11.66
C SER A 280 5.26 -7.49 12.31
N ILE A 281 5.63 -8.76 12.35
CA ILE A 281 7.00 -9.05 12.83
C ILE A 281 8.04 -8.41 11.87
N ASN A 282 7.80 -8.64 10.60
CA ASN A 282 8.69 -8.05 9.62
C ASN A 282 8.71 -6.52 9.73
N LEU A 283 7.55 -5.85 9.76
CA LEU A 283 7.54 -4.41 9.91
C LEU A 283 8.34 -4.05 11.13
N ASN A 284 8.18 -4.75 12.26
CA ASN A 284 8.79 -4.41 13.50
C ASN A 284 10.29 -4.58 13.50
N ALA A 285 10.89 -5.63 12.97
CA ALA A 285 12.33 -5.60 12.87
C ALA A 285 12.88 -4.45 12.03
N ILE A 286 12.26 -4.17 10.87
CA ILE A 286 12.58 -2.99 10.11
C ILE A 286 12.77 -1.77 11.02
N ASN A 287 11.92 -1.45 11.97
CA ASN A 287 12.11 -0.34 12.84
C ASN A 287 13.03 -0.57 14.05
N LYS A 288 13.47 -1.82 14.15
CA LYS A 288 14.43 -2.16 15.22
C LYS A 288 15.76 -2.14 14.55
N CYS A 289 15.93 -2.20 13.27
CA CYS A 289 17.25 -2.23 12.65
C CYS A 289 18.13 -1.05 12.96
N PRO A 290 19.35 -1.24 13.45
CA PRO A 290 20.21 -0.16 13.95
C PRO A 290 20.50 1.02 13.00
N LEU A 291 20.68 0.80 11.68
CA LEU A 291 20.74 1.75 10.62
C LEU A 291 19.83 2.92 10.73
N LEU A 292 20.28 4.10 10.30
CA LEU A 292 19.69 5.43 10.24
C LEU A 292 18.71 5.44 9.08
N LYS A 293 17.43 5.67 9.43
CA LYS A 293 16.16 5.45 8.72
C LYS A 293 15.52 6.82 8.63
N PRO A 294 15.80 7.56 7.56
CA PRO A 294 15.53 9.00 7.62
C PRO A 294 14.16 9.36 7.21
N TRP A 295 13.16 8.56 7.26
CA TRP A 295 11.81 8.59 6.72
C TRP A 295 10.90 7.63 7.54
N ALA A 296 9.66 7.93 7.62
CA ALA A 296 8.80 7.04 8.38
C ALA A 296 8.76 5.66 7.75
N LEU A 297 8.58 4.52 8.31
CA LEU A 297 8.81 3.14 7.95
C LEU A 297 7.59 2.32 8.51
N THR A 298 6.49 2.51 7.70
CA THR A 298 5.17 2.09 8.18
C THR A 298 4.42 1.17 7.22
N PHE A 299 3.19 0.90 7.46
CA PHE A 299 2.40 -0.15 6.87
C PHE A 299 1.38 0.41 5.89
N SER A 300 1.26 -0.32 4.78
CA SER A 300 0.09 -0.05 3.91
C SER A 300 -0.48 -1.35 3.34
N TYR A 301 -1.29 -1.88 4.23
CA TYR A 301 -1.73 -3.22 4.33
C TYR A 301 -3.22 -3.41 3.99
N GLY A 302 -3.39 -4.46 3.13
CA GLY A 302 -4.78 -4.73 2.73
C GLY A 302 -5.24 -6.13 3.28
N ARG A 303 -4.88 -7.27 2.73
CA ARG A 303 -5.09 -8.57 3.21
C ARG A 303 -4.54 -8.75 4.59
N ALA A 304 -3.30 -8.30 4.76
CA ALA A 304 -2.76 -8.28 6.12
C ALA A 304 -3.61 -7.41 7.01
N LEU A 305 -4.61 -6.52 6.87
CA LEU A 305 -5.18 -5.98 8.10
C LEU A 305 -6.58 -6.56 8.15
N GLN A 306 -6.91 -7.40 7.21
CA GLN A 306 -8.20 -8.00 6.89
C GLN A 306 -8.38 -9.51 6.95
N ALA A 307 -7.54 -10.47 6.95
CA ALA A 307 -7.80 -11.88 6.89
C ALA A 307 -8.85 -12.26 7.92
N SER A 308 -8.47 -12.11 9.19
CA SER A 308 -9.02 -12.56 10.40
C SER A 308 -10.42 -11.99 10.57
N ALA A 309 -10.50 -10.69 10.45
CA ALA A 309 -11.85 -10.09 10.44
C ALA A 309 -12.69 -10.67 9.28
N LEU A 310 -12.18 -11.28 8.21
CA LEU A 310 -12.97 -11.68 7.12
C LEU A 310 -13.39 -13.06 7.55
N LYS A 311 -12.46 -13.75 8.24
CA LYS A 311 -12.83 -15.16 8.50
C LYS A 311 -13.93 -14.90 9.56
N ALA A 312 -13.91 -13.83 10.35
CA ALA A 312 -14.72 -13.85 11.53
C ALA A 312 -16.09 -13.34 11.28
N TRP A 313 -16.21 -12.43 10.35
CA TRP A 313 -17.51 -11.98 9.94
C TRP A 313 -18.34 -13.12 9.35
N GLY A 314 -17.80 -13.87 8.37
CA GLY A 314 -18.35 -14.96 7.60
C GLY A 314 -19.60 -14.49 6.87
N GLY A 315 -19.74 -13.21 6.56
CA GLY A 315 -20.95 -12.64 6.07
C GLY A 315 -22.12 -12.67 7.02
N LYS A 316 -22.06 -13.11 8.28
CA LYS A 316 -23.25 -13.01 9.10
C LYS A 316 -23.26 -11.67 9.84
N LYS A 317 -24.31 -10.89 9.69
CA LYS A 317 -24.44 -9.58 10.29
C LYS A 317 -24.28 -9.65 11.80
N GLU A 318 -24.82 -10.65 12.48
CA GLU A 318 -24.62 -10.94 13.89
C GLU A 318 -23.15 -11.01 14.30
N ASN A 319 -22.07 -11.14 13.48
CA ASN A 319 -20.72 -11.15 13.95
C ASN A 319 -19.96 -9.82 13.82
N LEU A 320 -20.55 -8.69 13.51
CA LEU A 320 -19.93 -7.42 13.41
C LEU A 320 -18.83 -7.22 14.43
N LYS A 321 -19.23 -7.28 15.69
CA LYS A 321 -18.36 -6.97 16.79
C LYS A 321 -17.24 -7.96 16.73
N ALA A 322 -17.38 -9.26 16.66
CA ALA A 322 -16.18 -10.07 16.62
C ALA A 322 -15.37 -9.64 15.40
N ALA A 323 -15.87 -9.17 14.22
CA ALA A 323 -14.89 -8.92 13.22
C ALA A 323 -14.08 -7.69 13.55
N GLN A 324 -14.64 -6.70 14.15
CA GLN A 324 -13.91 -5.45 14.39
C GLN A 324 -12.86 -5.68 15.47
N GLU A 325 -13.11 -6.67 16.38
CA GLU A 325 -12.16 -6.95 17.37
C GLU A 325 -10.88 -7.28 16.58
N GLU A 326 -11.15 -8.12 15.58
CA GLU A 326 -10.20 -8.74 14.76
C GLU A 326 -9.34 -7.64 14.09
N TYR A 327 -10.00 -6.75 13.41
CA TYR A 327 -9.24 -5.81 12.59
C TYR A 327 -8.44 -4.97 13.52
N VAL A 328 -9.15 -4.30 14.49
CA VAL A 328 -8.50 -3.69 15.64
C VAL A 328 -7.26 -4.39 16.20
N LYS A 329 -7.23 -5.63 16.56
CA LYS A 329 -6.09 -6.34 16.99
C LYS A 329 -5.01 -6.08 15.95
N ARG A 330 -5.11 -6.41 14.71
CA ARG A 330 -4.17 -6.12 13.72
C ARG A 330 -3.90 -4.65 13.55
N ALA A 331 -4.72 -3.64 13.68
CA ALA A 331 -4.27 -2.23 13.53
C ALA A 331 -3.52 -1.77 14.75
N LEU A 332 -3.74 -2.53 15.87
CA LEU A 332 -2.98 -2.25 17.12
C LEU A 332 -1.55 -2.69 16.92
N ALA A 333 -1.60 -3.94 16.33
CA ALA A 333 -0.32 -4.66 16.24
C ALA A 333 0.66 -3.85 15.39
N ASN A 334 0.13 -3.25 14.32
CA ASN A 334 1.01 -2.70 13.32
C ASN A 334 1.47 -1.32 13.78
N SER A 335 0.58 -0.65 14.57
CA SER A 335 0.94 0.67 15.07
C SER A 335 2.15 0.60 15.99
N LEU A 336 2.20 -0.62 16.58
CA LEU A 336 3.26 -0.96 17.50
C LEU A 336 4.51 -1.30 16.72
N ALA A 337 4.25 -2.12 15.70
CA ALA A 337 5.26 -2.60 14.75
C ALA A 337 5.88 -1.45 13.99
N CYS A 338 5.14 -0.48 13.47
CA CYS A 338 5.73 0.64 12.77
C CYS A 338 6.58 1.43 13.76
N GLN A 339 6.59 1.26 15.09
CA GLN A 339 7.30 2.13 16.04
C GLN A 339 8.46 1.29 16.66
N GLY A 340 8.62 0.08 16.19
CA GLY A 340 9.44 -0.96 16.73
C GLY A 340 8.96 -1.20 18.13
N LYS A 341 7.70 -1.14 18.49
CA LYS A 341 7.38 -1.44 19.91
C LYS A 341 6.49 -2.66 19.91
N TYR A 342 6.48 -3.50 18.92
CA TYR A 342 5.65 -4.69 18.83
C TYR A 342 6.31 -5.93 19.42
N THR A 343 5.53 -6.58 20.25
CA THR A 343 5.83 -7.76 21.01
C THR A 343 4.71 -8.73 20.80
N PRO A 344 5.08 -9.69 20.05
CA PRO A 344 4.08 -10.73 19.91
C PRO A 344 4.09 -11.57 21.20
N SER A 345 5.16 -12.33 21.43
CA SER A 345 5.47 -13.25 22.50
C SER A 345 4.39 -13.44 23.56
N GLY A 346 3.56 -14.35 23.03
CA GLY A 346 2.26 -14.79 23.51
C GLY A 346 1.42 -14.22 22.33
N GLN A 347 0.33 -13.66 22.81
CA GLN A 347 -0.50 -12.86 21.90
C GLN A 347 -0.88 -13.59 20.62
N ALA A 348 -2.05 -14.21 20.54
CA ALA A 348 -2.75 -15.03 19.56
C ALA A 348 -3.02 -14.87 18.05
N GLY A 349 -2.42 -15.80 17.30
CA GLY A 349 -2.66 -16.17 15.94
C GLY A 349 -4.05 -16.81 15.67
N ALA A 350 -4.06 -17.78 14.74
CA ALA A 350 -5.18 -18.48 14.17
C ALA A 350 -5.15 -18.53 12.63
N ALA A 351 -6.01 -17.80 11.94
CA ALA A 351 -6.04 -17.06 10.71
C ALA A 351 -5.03 -15.91 10.42
N ALA A 352 -4.36 -15.43 11.47
CA ALA A 352 -3.28 -14.50 11.56
C ALA A 352 -1.94 -15.11 11.15
N SER A 353 -1.80 -16.42 10.99
CA SER A 353 -0.49 -16.95 10.63
C SER A 353 -0.70 -17.82 9.41
N GLU A 354 -1.92 -17.71 8.90
CA GLU A 354 -2.19 -18.26 7.57
C GLU A 354 -1.70 -17.39 6.44
N SER A 355 -1.08 -17.96 5.44
CA SER A 355 -0.48 -17.23 4.35
C SER A 355 -1.41 -16.76 3.26
N LEU A 356 -1.26 -15.52 2.75
CA LEU A 356 -2.33 -14.77 2.08
C LEU A 356 -1.84 -14.37 0.68
N PHE A 357 -1.15 -15.39 0.21
CA PHE A 357 -0.40 -15.40 -1.01
C PHE A 357 -1.26 -15.97 -2.13
N VAL A 358 -1.36 -15.22 -3.25
CA VAL A 358 -2.13 -15.72 -4.41
C VAL A 358 -1.27 -15.76 -5.69
N SER A 359 -1.70 -16.51 -6.71
CA SER A 359 -1.23 -16.51 -8.09
C SER A 359 -0.93 -15.11 -8.62
N ASN A 360 0.31 -14.84 -9.10
CA ASN A 360 0.30 -13.37 -9.49
C ASN A 360 0.25 -13.27 -10.99
N HIS A 361 -0.59 -14.24 -11.40
CA HIS A 361 -1.36 -14.52 -12.58
C HIS A 361 -1.08 -13.54 -13.74
N ALA A 362 -1.76 -12.40 -13.58
CA ALA A 362 -1.66 -11.07 -14.18
C ALA A 362 -2.98 -10.36 -13.71
N TYR A 363 -3.70 -9.90 -14.75
CA TYR A 363 -5.04 -9.37 -14.59
C TYR A 363 -6.07 -10.43 -14.07
P6 2FP B . -7.25 -4.82 -7.20
O6 2FP B . -5.63 -4.56 -7.61
C6 2FP B . -4.79 -5.11 -6.50
C5 2FP B . -4.84 -4.08 -5.26
O5 2FP B . -5.80 -4.44 -3.93
C4 2FP B . -3.38 -3.51 -4.86
O4 2FP B . -2.74 -4.56 -5.74
C3 2FP B . -2.49 -3.69 -3.59
O3 2FP B . -0.94 -3.39 -3.72
C2 2FP B . -2.59 -3.21 -2.11
O2 2FP B . -2.93 -1.71 -1.91
C1 2FP B . -2.06 -4.00 -1.04
O1 2FP B . -2.01 -5.26 -0.62
O61 2FP B . -8.38 -3.92 -6.44
O62 2FP B . -7.35 -6.27 -6.24
O63 2FP B . -8.01 -5.01 -8.73
P1 2FP B . -1.07 -6.10 0.53
O11 2FP B . -0.21 -5.09 1.59
O12 2FP B . 0.14 -7.00 -0.24
O13 2FP B . -1.92 -7.05 1.60
#